data_6CH1
#
_entry.id   6CH1
#
_cell.length_a   40.380
_cell.length_b   49.970
_cell.length_c   50.950
_cell.angle_alpha   78.04
_cell.angle_beta   68.99
_cell.angle_gamma   80.66
#
_symmetry.space_group_name_H-M   'P 1'
#
loop_
_entity.id
_entity.type
_entity.pdbx_description
1 polymer 'Flagellar biosynthesis protein FlhA'
2 non-polymer 1,2-ETHANEDIOL
3 water water
#
_entity_poly.entity_id   1
_entity_poly.type   'polypeptide(L)'
_entity_poly.pdbx_seq_one_letter_code
;QGGGEDSLGMEVGYRLIPMVDFQQDGELLGRIRSIRKKFAQDMGFLPPVVHIRDNMDLQPARYRILMKGVEIGSGDAYPG
RWLAINPGTAAGTLPGEKTVDPAFGLDAIWIESALKEQAQIQGFTVVEASTVVATHLNHLIGQFSAELFGRQEAQQLLDR
VSQEMPKLTEDLVPGVVTLTTLHKVLQNLLAEKVPIRDMRTILETLAEHAPLQSDPHELTAVVRVALGRAITQQWFPGNE
EVQVIGLDTALERLLLQALQGGGGLEPGLADRLLAQTQEALSRQEMLGAPPVLLVNHALRPLLSRFLRRSLPQLVVLSNL
ELSDNRHIRMTATIGGK
;
_entity_poly.pdbx_strand_id   A
#
loop_
_chem_comp.id
_chem_comp.type
_chem_comp.name
_chem_comp.formula
EDO non-polymer 1,2-ETHANEDIOL 'C2 H6 O2'
#
# COMPACT_ATOMS: atom_id res chain seq x y z
N GLY A 4 25.18 6.25 3.77
CA GLY A 4 25.45 6.62 5.17
C GLY A 4 24.20 6.46 6.02
N GLU A 5 23.06 6.91 5.49
CA GLU A 5 21.80 6.84 6.21
C GLU A 5 21.15 5.49 5.97
N ASP A 6 20.66 4.88 7.05
CA ASP A 6 19.95 3.61 6.92
C ASP A 6 18.74 3.77 6.00
N SER A 7 18.49 2.76 5.18
CA SER A 7 17.34 2.80 4.29
C SER A 7 16.04 2.93 5.07
N LEU A 8 15.94 2.24 6.20
CA LEU A 8 14.76 2.27 7.03
C LEU A 8 15.23 2.21 8.48
N GLY A 9 14.77 3.16 9.29
CA GLY A 9 15.26 3.29 10.64
C GLY A 9 14.14 3.61 11.61
N MET A 10 14.41 3.32 12.87
CA MET A 10 13.52 3.69 13.96
C MET A 10 14.35 4.18 15.13
N GLU A 11 13.90 5.27 15.74
CA GLU A 11 14.50 5.82 16.95
C GLU A 11 13.47 5.79 18.06
N VAL A 12 13.92 5.51 19.28
CA VAL A 12 13.02 5.28 20.41
C VAL A 12 13.54 6.01 21.65
N GLY A 13 12.61 6.56 22.43
CA GLY A 13 12.92 7.01 23.76
C GLY A 13 13.14 5.82 24.69
N TYR A 14 13.68 6.12 25.89
CA TYR A 14 14.21 5.06 26.74
C TYR A 14 13.14 4.10 27.23
N ARG A 15 11.89 4.55 27.37
CA ARG A 15 10.85 3.66 27.83
C ARG A 15 10.54 2.55 26.83
N LEU A 16 10.80 2.81 25.55
CA LEU A 16 10.56 1.83 24.49
C LEU A 16 11.76 0.93 24.21
N ILE A 17 12.88 1.14 24.91
CA ILE A 17 14.05 0.27 24.69
C ILE A 17 13.73 -1.19 24.97
N PRO A 18 13.02 -1.56 26.04
CA PRO A 18 12.78 -2.99 26.28
C PRO A 18 12.11 -3.72 25.12
N MET A 19 11.07 -3.13 24.52
CA MET A 19 10.38 -3.81 23.43
C MET A 19 11.24 -3.97 22.18
N VAL A 20 12.39 -3.28 22.10
CA VAL A 20 13.31 -3.44 20.98
C VAL A 20 14.65 -4.01 21.41
N ASP A 21 14.76 -4.55 22.63
CA ASP A 21 16.02 -5.05 23.17
C ASP A 21 15.98 -6.58 23.14
N PHE A 22 16.84 -7.16 22.31
CA PHE A 22 16.87 -8.61 22.16
C PHE A 22 17.24 -9.33 23.46
N GLN A 23 17.90 -8.64 24.39
CA GLN A 23 18.23 -9.22 25.67
C GLN A 23 17.05 -9.17 26.65
N GLN A 24 16.08 -8.29 26.42
CA GLN A 24 14.91 -8.21 27.28
C GLN A 24 13.71 -8.83 26.56
N ASP A 25 12.51 -8.28 26.78
CA ASP A 25 11.31 -8.82 26.15
C ASP A 25 11.40 -8.73 24.62
N GLY A 26 11.73 -7.55 24.10
CA GLY A 26 11.90 -7.38 22.67
C GLY A 26 10.68 -7.75 21.84
N GLU A 27 9.48 -7.53 22.38
CA GLU A 27 8.26 -7.95 21.68
C GLU A 27 8.16 -7.32 20.29
N LEU A 28 8.62 -6.07 20.14
CA LEU A 28 8.49 -5.38 18.87
C LEU A 28 9.42 -5.95 17.81
N LEU A 29 10.55 -6.53 18.22
CA LEU A 29 11.45 -7.15 17.26
C LEU A 29 10.77 -8.29 16.52
N GLY A 30 9.98 -9.10 17.23
CA GLY A 30 9.30 -10.21 16.58
C GLY A 30 8.20 -9.75 15.65
N ARG A 31 7.48 -8.69 16.03
CA ARG A 31 6.46 -8.11 15.14
C ARG A 31 7.09 -7.55 13.87
N ILE A 32 8.25 -6.90 13.99
CA ILE A 32 8.93 -6.37 12.81
C ILE A 32 9.29 -7.51 11.87
N ARG A 33 9.82 -8.61 12.41
CA ARG A 33 10.20 -9.74 11.58
C ARG A 33 8.99 -10.31 10.83
N SER A 34 7.84 -10.41 11.50
CA SER A 34 6.65 -10.92 10.84
C SER A 34 6.16 -9.94 9.77
N ILE A 35 6.27 -8.64 10.03
CA ILE A 35 5.91 -7.63 9.05
C ILE A 35 6.76 -7.78 7.79
N ARG A 36 8.08 -7.90 7.96
CA ARG A 36 8.96 -7.99 6.80
C ARG A 36 8.74 -9.30 6.04
N LYS A 37 8.54 -10.40 6.78
CA LYS A 37 8.25 -11.68 6.15
C LYS A 37 6.94 -11.64 5.36
N LYS A 38 5.91 -10.99 5.93
CA LYS A 38 4.62 -10.93 5.26
C LYS A 38 4.68 -10.07 3.99
N PHE A 39 5.46 -8.98 4.01
CA PHE A 39 5.64 -8.20 2.78
C PHE A 39 6.37 -8.99 1.71
N ALA A 40 7.41 -9.73 2.09
CA ALA A 40 8.14 -10.53 1.12
C ALA A 40 7.23 -11.58 0.49
N GLN A 41 6.41 -12.25 1.30
CA GLN A 41 5.60 -13.36 0.80
C GLN A 41 4.39 -12.88 0.02
N ASP A 42 3.73 -11.82 0.48
CA ASP A 42 2.49 -11.37 -0.13
C ASP A 42 2.71 -10.39 -1.27
N MET A 43 3.65 -9.46 -1.12
CA MET A 43 3.90 -8.45 -2.14
C MET A 43 5.12 -8.76 -3.01
N GLY A 44 5.93 -9.76 -2.65
CA GLY A 44 7.13 -10.06 -3.39
C GLY A 44 8.28 -9.12 -3.10
N PHE A 45 8.18 -8.36 -2.01
CA PHE A 45 9.06 -7.24 -1.72
C PHE A 45 9.58 -7.42 -0.29
N LEU A 46 10.83 -7.85 -0.15
CA LEU A 46 11.43 -7.91 1.17
C LEU A 46 11.88 -6.51 1.56
N PRO A 47 11.24 -5.87 2.53
CA PRO A 47 11.65 -4.51 2.90
C PRO A 47 13.04 -4.52 3.52
N PRO A 48 13.72 -3.39 3.55
CA PRO A 48 15.04 -3.35 4.18
C PRO A 48 14.91 -3.61 5.67
N VAL A 49 16.01 -4.07 6.27
CA VAL A 49 16.04 -4.24 7.71
C VAL A 49 15.77 -2.88 8.36
N VAL A 50 15.08 -2.90 9.50
CA VAL A 50 14.82 -1.70 10.27
C VAL A 50 15.95 -1.56 11.28
N HIS A 51 16.79 -0.54 11.10
CA HIS A 51 17.84 -0.24 12.06
C HIS A 51 17.26 0.55 13.21
N ILE A 52 17.33 0.00 14.42
CA ILE A 52 16.73 0.61 15.61
C ILE A 52 17.85 1.19 16.46
N ARG A 53 17.66 2.42 16.92
CA ARG A 53 18.63 3.10 17.76
C ARG A 53 17.90 3.93 18.80
N ASP A 54 18.48 4.03 19.99
CA ASP A 54 17.94 4.89 21.03
C ASP A 54 18.26 6.35 20.71
N ASN A 55 17.38 7.25 21.16
CA ASN A 55 17.57 8.68 20.98
C ASN A 55 17.03 9.37 22.23
N MET A 56 17.93 9.92 23.04
CA MET A 56 17.59 10.39 24.38
C MET A 56 17.07 11.82 24.43
N ASP A 57 17.19 12.60 23.35
CA ASP A 57 16.46 13.85 23.29
C ASP A 57 15.01 13.65 22.86
N LEU A 58 14.67 12.44 22.46
CA LEU A 58 13.29 12.05 22.23
C LEU A 58 12.60 11.83 23.58
N GLN A 59 11.31 12.13 23.61
CA GLN A 59 10.54 11.89 24.82
C GLN A 59 10.60 10.41 25.17
N PRO A 60 10.38 10.07 26.45
CA PRO A 60 10.58 8.67 26.87
C PRO A 60 9.73 7.65 26.13
N ALA A 61 8.46 7.96 25.86
CA ALA A 61 7.55 7.02 25.21
C ALA A 61 7.35 7.34 23.73
N ARG A 62 8.29 8.05 23.11
CA ARG A 62 8.18 8.49 21.73
C ARG A 62 9.06 7.63 20.83
N TYR A 63 8.59 7.40 19.61
CA TYR A 63 9.39 6.77 18.57
C TYR A 63 9.26 7.60 17.30
N ARG A 64 10.27 7.47 16.45
CA ARG A 64 10.27 8.01 15.10
C ARG A 64 10.59 6.88 14.13
N ILE A 65 10.05 6.98 12.93
CA ILE A 65 10.36 6.07 11.84
C ILE A 65 10.93 6.90 10.70
N LEU A 66 12.02 6.44 10.12
CA LEU A 66 12.80 7.24 9.17
C LEU A 66 13.14 6.42 7.95
N MET A 67 13.24 7.12 6.81
N MET A 67 13.19 7.10 6.80
CA MET A 67 13.66 6.52 5.55
CA MET A 67 13.67 6.53 5.55
C MET A 67 14.83 7.36 5.03
C MET A 67 14.84 7.37 5.08
N LYS A 68 16.01 6.74 4.96
CA LYS A 68 17.22 7.45 4.54
C LYS A 68 17.44 8.70 5.38
N GLY A 69 17.18 8.59 6.69
CA GLY A 69 17.40 9.67 7.61
C GLY A 69 16.32 10.73 7.67
N VAL A 70 15.23 10.57 6.91
CA VAL A 70 14.14 11.53 6.84
C VAL A 70 12.95 10.94 7.59
N GLU A 71 12.47 11.65 8.61
CA GLU A 71 11.34 11.17 9.38
C GLU A 71 10.09 11.08 8.51
N ILE A 72 9.45 9.92 8.52
CA ILE A 72 8.18 9.72 7.83
C ILE A 72 7.03 9.41 8.78
N GLY A 73 7.31 9.13 10.05
CA GLY A 73 6.25 8.91 11.02
C GLY A 73 6.80 9.02 12.42
N SER A 74 5.88 9.26 13.36
CA SER A 74 6.23 9.33 14.77
C SER A 74 4.96 9.13 15.58
N GLY A 75 5.15 8.82 16.85
CA GLY A 75 4.00 8.68 17.73
C GLY A 75 4.45 8.34 19.13
N ASP A 76 3.46 8.12 19.99
CA ASP A 76 3.68 7.71 21.36
C ASP A 76 3.28 6.26 21.53
N ALA A 77 3.98 5.56 22.41
CA ALA A 77 3.61 4.21 22.80
C ALA A 77 3.92 4.05 24.28
N TYR A 78 2.91 3.73 25.07
CA TYR A 78 3.09 3.64 26.51
C TYR A 78 3.11 2.18 26.94
N PRO A 79 4.27 1.62 27.32
CA PRO A 79 4.35 0.18 27.59
C PRO A 79 3.34 -0.34 28.60
N GLY A 80 2.92 0.46 29.56
CA GLY A 80 1.99 0.01 30.56
C GLY A 80 0.52 0.14 30.21
N ARG A 81 0.18 0.58 29.00
CA ARG A 81 -1.18 0.89 28.65
C ARG A 81 -1.56 0.25 27.32
N TRP A 82 -2.87 0.23 27.08
CA TRP A 82 -3.46 -0.24 25.83
C TRP A 82 -4.07 0.94 25.09
N LEU A 83 -4.04 0.86 23.76
CA LEU A 83 -4.69 1.87 22.93
C LEU A 83 -6.07 1.36 22.53
N ALA A 84 -7.11 2.07 22.96
CA ALA A 84 -8.48 1.74 22.62
C ALA A 84 -8.87 2.58 21.41
N ILE A 85 -9.08 1.91 20.28
CA ILE A 85 -9.32 2.58 18.99
C ILE A 85 -10.81 2.47 18.67
N ASN A 86 -11.43 3.61 18.34
CA ASN A 86 -12.82 3.64 17.90
C ASN A 86 -12.82 3.45 16.38
N PRO A 87 -13.21 2.29 15.86
CA PRO A 87 -13.24 2.12 14.40
C PRO A 87 -14.40 2.83 13.72
N GLY A 88 -15.29 3.47 14.48
CA GLY A 88 -16.46 4.12 13.93
C GLY A 88 -17.75 3.66 14.58
N THR A 89 -17.67 2.57 15.35
CA THR A 89 -18.85 1.95 15.96
C THR A 89 -18.82 1.93 17.48
N ALA A 90 -17.77 2.42 18.12
CA ALA A 90 -17.71 2.41 19.57
C ALA A 90 -18.77 3.34 20.17
N ALA A 91 -19.11 3.09 21.43
CA ALA A 91 -20.13 3.85 22.15
C ALA A 91 -19.54 4.44 23.42
N GLY A 92 -19.88 5.70 23.69
CA GLY A 92 -19.42 6.34 24.90
C GLY A 92 -17.94 6.64 24.85
N THR A 93 -17.43 7.04 26.01
CA THR A 93 -16.04 7.44 26.17
C THR A 93 -15.37 6.58 27.23
N LEU A 94 -14.05 6.64 27.27
CA LEU A 94 -13.25 6.00 28.29
C LEU A 94 -12.31 7.02 28.90
N PRO A 95 -11.94 6.86 30.18
CA PRO A 95 -10.95 7.76 30.77
C PRO A 95 -9.55 7.41 30.30
N GLY A 96 -8.75 8.44 30.05
CA GLY A 96 -7.37 8.26 29.67
C GLY A 96 -6.93 9.34 28.72
N GLU A 97 -5.72 9.16 28.19
CA GLU A 97 -5.14 10.14 27.27
C GLU A 97 -5.79 9.97 25.90
N LYS A 98 -6.61 10.94 25.51
CA LYS A 98 -7.24 10.91 24.20
C LYS A 98 -6.23 11.23 23.12
N THR A 99 -6.25 10.45 22.04
CA THR A 99 -5.31 10.64 20.96
C THR A 99 -5.92 10.20 19.63
N VAL A 100 -5.05 9.79 18.71
CA VAL A 100 -5.45 9.33 17.39
C VAL A 100 -4.54 8.17 17.02
N ASP A 101 -5.11 7.11 16.46
CA ASP A 101 -4.28 5.96 16.11
C ASP A 101 -3.35 6.36 14.96
N PRO A 102 -2.06 6.03 15.03
CA PRO A 102 -1.13 6.60 14.05
C PRO A 102 -1.31 6.10 12.64
N ALA A 103 -1.88 4.91 12.44
CA ALA A 103 -2.00 4.35 11.11
C ALA A 103 -3.19 4.94 10.35
N PHE A 104 -4.36 5.00 10.98
CA PHE A 104 -5.60 5.33 10.28
C PHE A 104 -6.21 6.66 10.69
N GLY A 105 -5.68 7.33 11.70
CA GLY A 105 -6.23 8.60 12.13
C GLY A 105 -7.49 8.50 12.96
N LEU A 106 -7.92 7.30 13.32
CA LEU A 106 -9.14 7.13 14.10
C LEU A 106 -8.97 7.64 15.54
N ASP A 107 -10.07 8.14 16.11
CA ASP A 107 -10.04 8.55 17.50
C ASP A 107 -9.74 7.36 18.40
N ALA A 108 -8.94 7.58 19.43
CA ALA A 108 -8.50 6.50 20.30
C ALA A 108 -8.13 7.08 21.65
N ILE A 109 -8.03 6.19 22.63
CA ILE A 109 -7.70 6.58 24.00
C ILE A 109 -6.70 5.57 24.54
N TRP A 110 -5.64 6.07 25.16
CA TRP A 110 -4.75 5.21 25.95
C TRP A 110 -5.43 4.96 27.30
N ILE A 111 -5.53 3.69 27.67
CA ILE A 111 -6.29 3.28 28.84
C ILE A 111 -5.45 2.35 29.70
N GLU A 112 -5.76 2.33 30.99
CA GLU A 112 -5.16 1.36 31.91
C GLU A 112 -5.58 -0.04 31.51
N SER A 113 -4.78 -1.03 31.95
CA SER A 113 -5.08 -2.42 31.66
C SER A 113 -6.45 -2.83 32.20
N ALA A 114 -6.84 -2.29 33.36
CA ALA A 114 -8.08 -2.68 34.01
C ALA A 114 -9.32 -2.29 33.23
N LEU A 115 -9.20 -1.40 32.23
CA LEU A 115 -10.33 -0.99 31.41
C LEU A 115 -10.40 -1.74 30.08
N LYS A 116 -9.48 -2.67 29.83
CA LYS A 116 -9.44 -3.36 28.54
C LYS A 116 -10.79 -3.95 28.16
N GLU A 117 -11.38 -4.74 29.06
CA GLU A 117 -12.63 -5.42 28.73
C GLU A 117 -13.80 -4.45 28.63
N GLN A 118 -13.86 -3.48 29.54
CA GLN A 118 -14.88 -2.44 29.43
C GLN A 118 -14.83 -1.76 28.08
N ALA A 119 -13.62 -1.43 27.62
CA ALA A 119 -13.47 -0.79 26.33
C ALA A 119 -13.95 -1.69 25.20
N GLN A 120 -13.65 -2.99 25.29
CA GLN A 120 -14.12 -3.93 24.27
C GLN A 120 -15.63 -4.05 24.27
N ILE A 121 -16.25 -4.03 25.45
CA ILE A 121 -17.70 -4.02 25.53
C ILE A 121 -18.27 -2.77 24.89
N GLN A 122 -17.56 -1.65 25.00
CA GLN A 122 -17.97 -0.41 24.34
C GLN A 122 -17.63 -0.39 22.85
N GLY A 123 -17.11 -1.48 22.29
CA GLY A 123 -16.84 -1.57 20.88
C GLY A 123 -15.49 -1.05 20.44
N PHE A 124 -14.59 -0.75 21.36
CA PHE A 124 -13.27 -0.26 21.00
C PHE A 124 -12.37 -1.43 20.63
N THR A 125 -11.52 -1.22 19.63
CA THR A 125 -10.46 -2.16 19.30
C THR A 125 -9.26 -1.85 20.19
N VAL A 126 -8.89 -2.79 21.05
CA VAL A 126 -7.91 -2.57 22.10
C VAL A 126 -6.63 -3.30 21.70
N VAL A 127 -5.53 -2.56 21.59
CA VAL A 127 -4.24 -3.13 21.21
C VAL A 127 -3.18 -2.69 22.20
N GLU A 128 -2.14 -3.52 22.35
CA GLU A 128 -1.08 -3.19 23.27
C GLU A 128 -0.05 -2.27 22.60
N ALA A 129 0.88 -1.76 23.41
CA ALA A 129 1.76 -0.68 22.97
C ALA A 129 2.64 -1.12 21.82
N SER A 130 3.26 -2.31 21.93
CA SER A 130 4.14 -2.75 20.86
C SER A 130 3.37 -2.96 19.56
N THR A 131 2.10 -3.36 19.65
CA THR A 131 1.31 -3.55 18.43
C THR A 131 0.99 -2.21 17.77
N VAL A 132 0.80 -1.16 18.56
CA VAL A 132 0.60 0.17 17.99
C VAL A 132 1.79 0.56 17.13
N VAL A 133 3.00 0.37 17.64
CA VAL A 133 4.20 0.73 16.89
C VAL A 133 4.31 -0.14 15.64
N ALA A 134 4.15 -1.45 15.81
CA ALA A 134 4.24 -2.36 14.67
C ALA A 134 3.23 -1.99 13.59
N THR A 135 1.97 -1.74 13.98
CA THR A 135 0.94 -1.39 13.01
C THR A 135 1.33 -0.12 12.24
N HIS A 136 1.84 0.89 12.95
CA HIS A 136 2.26 2.10 12.27
C HIS A 136 3.39 1.82 11.28
N LEU A 137 4.37 1.02 11.69
CA LEU A 137 5.47 0.68 10.79
C LEU A 137 4.97 -0.08 9.57
N ASN A 138 4.15 -1.10 9.80
CA ASN A 138 3.60 -1.88 8.69
C ASN A 138 2.86 -0.97 7.71
N HIS A 139 2.13 0.02 8.23
CA HIS A 139 1.40 0.94 7.36
C HIS A 139 2.36 1.80 6.55
N LEU A 140 3.42 2.30 7.18
CA LEU A 140 4.37 3.16 6.49
C LEU A 140 5.16 2.38 5.44
N ILE A 141 5.54 1.14 5.73
CA ILE A 141 6.23 0.34 4.71
C ILE A 141 5.34 0.16 3.50
N GLY A 142 4.05 -0.08 3.72
CA GLY A 142 3.13 -0.18 2.60
C GLY A 142 3.00 1.12 1.84
N GLN A 143 2.87 2.23 2.56
CA GLN A 143 2.70 3.53 1.91
C GLN A 143 3.93 3.90 1.08
N PHE A 144 5.11 3.54 1.55
CA PHE A 144 6.37 3.92 0.90
C PHE A 144 7.06 2.74 0.20
N SER A 145 6.28 1.71 -0.15
N SER A 145 6.28 1.70 -0.16
CA SER A 145 6.84 0.52 -0.78
CA SER A 145 6.85 0.51 -0.77
C SER A 145 7.66 0.87 -2.01
C SER A 145 7.66 0.86 -2.02
N ALA A 146 7.10 1.70 -2.90
CA ALA A 146 7.79 2.05 -4.13
C ALA A 146 9.08 2.82 -3.86
N GLU A 147 9.01 3.80 -2.94
CA GLU A 147 10.18 4.59 -2.60
C GLU A 147 11.26 3.72 -1.95
N LEU A 148 10.86 2.75 -1.14
CA LEU A 148 11.79 1.85 -0.48
C LEU A 148 12.44 0.88 -1.46
N PHE A 149 11.81 0.64 -2.61
CA PHE A 149 12.31 -0.28 -3.62
C PHE A 149 13.18 0.51 -4.59
N GLY A 150 14.44 0.70 -4.20
CA GLY A 150 15.40 1.40 -5.03
C GLY A 150 16.13 0.46 -5.97
N ARG A 151 17.08 1.06 -6.70
CA ARG A 151 17.85 0.28 -7.67
C ARG A 151 18.55 -0.90 -6.99
N GLN A 152 19.17 -0.65 -5.84
CA GLN A 152 19.81 -1.71 -5.08
C GLN A 152 18.81 -2.84 -4.81
N GLU A 153 17.61 -2.47 -4.38
CA GLU A 153 16.59 -3.48 -4.09
C GLU A 153 16.23 -4.27 -5.34
N ALA A 154 16.10 -3.59 -6.48
CA ALA A 154 15.79 -4.28 -7.72
C ALA A 154 16.88 -5.27 -8.08
N GLN A 155 18.15 -4.88 -7.92
CA GLN A 155 19.25 -5.80 -8.21
C GLN A 155 19.21 -7.02 -7.30
N GLN A 156 19.05 -6.80 -5.99
CA GLN A 156 19.02 -7.92 -5.05
C GLN A 156 17.91 -8.91 -5.42
N LEU A 157 16.72 -8.40 -5.75
CA LEU A 157 15.63 -9.28 -6.16
C LEU A 157 15.98 -10.03 -7.43
N LEU A 158 16.51 -9.33 -8.44
CA LEU A 158 16.91 -9.99 -9.66
C LEU A 158 17.96 -11.07 -9.38
N ASP A 159 18.91 -10.80 -8.48
CA ASP A 159 19.91 -11.81 -8.14
C ASP A 159 19.24 -13.04 -7.51
N ARG A 160 18.27 -12.83 -6.63
CA ARG A 160 17.61 -13.98 -5.98
C ARG A 160 16.83 -14.80 -6.99
N VAL A 161 16.05 -14.14 -7.85
CA VAL A 161 15.28 -14.88 -8.85
C VAL A 161 16.22 -15.56 -9.84
N SER A 162 17.39 -14.98 -10.10
CA SER A 162 18.37 -15.60 -11.00
C SER A 162 18.75 -16.98 -10.51
N GLN A 163 18.75 -17.20 -9.19
CA GLN A 163 19.10 -18.52 -8.66
C GLN A 163 18.07 -19.56 -9.08
N GLU A 164 16.79 -19.20 -9.05
CA GLU A 164 15.73 -20.14 -9.39
C GLU A 164 15.49 -20.21 -10.89
N MET A 165 15.68 -19.12 -11.62
CA MET A 165 15.38 -19.04 -13.04
C MET A 165 16.59 -18.51 -13.79
N PRO A 166 17.68 -19.30 -13.84
CA PRO A 166 18.94 -18.78 -14.41
C PRO A 166 18.86 -18.44 -15.89
N LYS A 167 18.13 -19.23 -16.68
CA LYS A 167 18.12 -19.03 -18.13
C LYS A 167 17.21 -17.86 -18.50
N LEU A 168 16.10 -17.71 -17.80
CA LEU A 168 15.19 -16.60 -18.06
C LEU A 168 15.88 -15.27 -17.77
N THR A 169 16.53 -15.16 -16.60
CA THR A 169 17.15 -13.91 -16.22
C THR A 169 18.35 -13.57 -17.09
N GLU A 170 19.05 -14.59 -17.61
CA GLU A 170 20.23 -14.36 -18.42
C GLU A 170 19.87 -13.76 -19.78
N ASP A 171 18.83 -14.29 -20.43
CA ASP A 171 18.43 -13.82 -21.75
C ASP A 171 17.81 -12.43 -21.71
N LEU A 172 17.46 -11.92 -20.54
CA LEU A 172 16.67 -10.70 -20.43
C LEU A 172 17.49 -9.49 -20.02
N VAL A 173 18.29 -9.59 -18.96
CA VAL A 173 19.00 -8.44 -18.39
C VAL A 173 20.49 -8.67 -18.58
N PRO A 174 21.24 -7.71 -19.15
CA PRO A 174 20.79 -6.38 -19.57
C PRO A 174 20.54 -6.27 -21.07
N GLY A 175 20.65 -7.39 -21.79
CA GLY A 175 20.61 -7.34 -23.25
C GLY A 175 19.24 -6.94 -23.79
N VAL A 176 18.17 -7.35 -23.12
CA VAL A 176 16.81 -7.09 -23.58
C VAL A 176 16.16 -5.94 -22.81
N VAL A 177 16.18 -6.00 -21.49
CA VAL A 177 15.70 -4.91 -20.65
C VAL A 177 16.81 -4.59 -19.65
N THR A 178 17.08 -3.30 -19.48
CA THR A 178 18.10 -2.85 -18.55
C THR A 178 17.55 -2.92 -17.13
N LEU A 179 18.46 -2.91 -16.16
CA LEU A 179 18.04 -2.81 -14.77
C LEU A 179 17.21 -1.54 -14.54
N THR A 180 17.60 -0.43 -15.19
CA THR A 180 16.83 0.81 -15.07
C THR A 180 15.36 0.57 -15.45
N THR A 181 15.14 -0.04 -16.61
CA THR A 181 13.77 -0.28 -17.05
C THR A 181 13.05 -1.27 -16.14
N LEU A 182 13.72 -2.38 -15.79
CA LEU A 182 13.10 -3.34 -14.89
C LEU A 182 12.76 -2.71 -13.55
N HIS A 183 13.68 -1.92 -12.99
CA HIS A 183 13.39 -1.28 -11.71
C HIS A 183 12.17 -0.37 -11.81
N LYS A 184 12.09 0.43 -12.88
CA LYS A 184 10.97 1.35 -13.04
C LYS A 184 9.65 0.61 -13.14
N VAL A 185 9.60 -0.47 -13.91
CA VAL A 185 8.36 -1.24 -14.04
C VAL A 185 7.95 -1.80 -12.68
N LEU A 186 8.87 -2.46 -11.99
CA LEU A 186 8.56 -3.03 -10.68
C LEU A 186 8.12 -1.95 -9.70
N GLN A 187 8.78 -0.79 -9.73
CA GLN A 187 8.37 0.33 -8.88
C GLN A 187 6.96 0.79 -9.20
N ASN A 188 6.63 0.88 -10.48
CA ASN A 188 5.29 1.29 -10.88
C ASN A 188 4.23 0.31 -10.35
N LEU A 189 4.57 -0.98 -10.33
CA LEU A 189 3.64 -1.97 -9.79
C LEU A 189 3.45 -1.80 -8.29
N LEU A 190 4.56 -1.70 -7.55
CA LEU A 190 4.49 -1.48 -6.11
C LEU A 190 3.75 -0.19 -5.79
N ALA A 191 3.91 0.85 -6.62
CA ALA A 191 3.25 2.13 -6.35
C ALA A 191 1.73 2.02 -6.38
N GLU A 192 1.19 1.03 -7.08
CA GLU A 192 -0.25 0.79 -7.11
C GLU A 192 -0.63 -0.49 -6.36
N LYS A 193 0.25 -0.94 -5.46
CA LYS A 193 0.01 -2.08 -4.59
C LYS A 193 -0.13 -3.40 -5.35
N VAL A 194 0.41 -3.47 -6.55
CA VAL A 194 0.41 -4.73 -7.29
C VAL A 194 1.55 -5.61 -6.78
N PRO A 195 1.27 -6.85 -6.34
CA PRO A 195 2.37 -7.73 -5.90
C PRO A 195 3.32 -8.01 -7.06
N ILE A 196 4.61 -8.12 -6.72
CA ILE A 196 5.63 -8.49 -7.70
C ILE A 196 6.24 -9.84 -7.35
N ARG A 197 5.50 -10.67 -6.63
CA ARG A 197 6.04 -11.97 -6.22
C ARG A 197 6.18 -12.91 -7.41
N ASP A 198 5.35 -12.75 -8.43
CA ASP A 198 5.36 -13.63 -9.60
C ASP A 198 6.32 -13.08 -10.65
N MET A 199 7.61 -13.19 -10.32
CA MET A 199 8.65 -12.64 -11.19
C MET A 199 8.77 -13.41 -12.48
N ARG A 200 8.39 -14.70 -12.50
CA ARG A 200 8.39 -15.42 -13.78
C ARG A 200 7.46 -14.76 -14.78
N THR A 201 6.21 -14.50 -14.38
CA THR A 201 5.28 -13.86 -15.30
C THR A 201 5.76 -12.47 -15.69
N ILE A 202 6.32 -11.72 -14.72
CA ILE A 202 6.80 -10.37 -15.02
C ILE A 202 7.95 -10.43 -16.02
N LEU A 203 8.95 -11.26 -15.75
CA LEU A 203 10.12 -11.30 -16.62
C LEU A 203 9.77 -11.90 -17.98
N GLU A 204 8.93 -12.93 -18.00
CA GLU A 204 8.49 -13.49 -19.28
C GLU A 204 7.74 -12.47 -20.11
N THR A 205 6.91 -11.64 -19.46
CA THR A 205 6.18 -10.61 -20.19
C THR A 205 7.12 -9.55 -20.72
N LEU A 206 8.09 -9.11 -19.90
CA LEU A 206 9.07 -8.15 -20.37
C LEU A 206 9.88 -8.70 -21.53
N ALA A 207 10.20 -10.00 -21.48
CA ALA A 207 10.99 -10.61 -22.54
C ALA A 207 10.24 -10.61 -23.88
N GLU A 208 8.90 -10.69 -23.83
CA GLU A 208 8.12 -10.73 -25.05
C GLU A 208 7.88 -9.34 -25.63
N HIS A 209 7.81 -8.32 -24.78
CA HIS A 209 7.41 -6.98 -25.21
C HIS A 209 8.53 -5.96 -25.19
N ALA A 210 9.52 -6.09 -24.31
CA ALA A 210 10.62 -5.14 -24.30
C ALA A 210 11.30 -4.99 -25.65
N PRO A 211 11.50 -6.03 -26.45
CA PRO A 211 12.08 -5.83 -27.78
C PRO A 211 11.26 -4.90 -28.65
N LEU A 212 9.95 -4.85 -28.41
CA LEU A 212 9.04 -4.05 -29.20
C LEU A 212 8.73 -2.70 -28.59
N GLN A 213 8.75 -2.59 -27.26
CA GLN A 213 8.44 -1.33 -26.58
C GLN A 213 9.43 -1.12 -25.46
N SER A 214 10.21 -0.04 -25.54
CA SER A 214 11.16 0.33 -24.51
C SER A 214 10.59 1.28 -23.47
N ASP A 215 9.31 1.66 -23.59
CA ASP A 215 8.72 2.60 -22.66
C ASP A 215 8.30 1.87 -21.39
N PRO A 216 8.84 2.22 -20.22
CA PRO A 216 8.42 1.52 -19.00
C PRO A 216 6.94 1.71 -18.68
N HIS A 217 6.36 2.81 -19.15
CA HIS A 217 4.93 3.04 -18.93
C HIS A 217 4.09 2.01 -19.66
N GLU A 218 4.44 1.74 -20.94
CA GLU A 218 3.67 0.78 -21.72
C GLU A 218 3.94 -0.63 -21.25
N LEU A 219 5.19 -0.96 -20.90
CA LEU A 219 5.48 -2.26 -20.32
C LEU A 219 4.67 -2.48 -19.05
N THR A 220 4.54 -1.45 -18.21
CA THR A 220 3.79 -1.62 -16.97
C THR A 220 2.35 -2.02 -17.25
N ALA A 221 1.73 -1.40 -18.26
CA ALA A 221 0.36 -1.76 -18.61
C ALA A 221 0.26 -3.20 -19.07
N VAL A 222 1.21 -3.66 -19.87
CA VAL A 222 1.18 -5.03 -20.39
C VAL A 222 1.49 -6.03 -19.27
N VAL A 223 2.40 -5.68 -18.36
CA VAL A 223 2.67 -6.54 -17.22
C VAL A 223 1.45 -6.63 -16.32
N ARG A 224 0.74 -5.52 -16.10
CA ARG A 224 -0.45 -5.55 -15.26
C ARG A 224 -1.50 -6.50 -15.82
N VAL A 225 -1.69 -6.50 -17.14
CA VAL A 225 -2.62 -7.44 -17.76
C VAL A 225 -2.16 -8.87 -17.53
N ALA A 226 -0.86 -9.14 -17.70
CA ALA A 226 -0.34 -10.47 -17.44
C ALA A 226 -0.59 -10.90 -16.00
N LEU A 227 -0.61 -9.95 -15.06
CA LEU A 227 -0.85 -10.24 -13.65
C LEU A 227 -2.30 -10.06 -13.24
N GLY A 228 -3.21 -10.04 -14.21
CA GLY A 228 -4.60 -9.71 -13.91
C GLY A 228 -5.26 -10.65 -12.92
N ARG A 229 -4.90 -11.93 -12.96
CA ARG A 229 -5.45 -12.87 -11.99
C ARG A 229 -5.02 -12.53 -10.57
N ALA A 230 -3.73 -12.22 -10.39
CA ALA A 230 -3.24 -11.83 -9.08
C ALA A 230 -3.85 -10.51 -8.61
N ILE A 231 -3.99 -9.55 -9.53
CA ILE A 231 -4.63 -8.29 -9.19
C ILE A 231 -6.08 -8.51 -8.80
N THR A 232 -6.79 -9.34 -9.56
CA THR A 232 -8.21 -9.56 -9.30
C THR A 232 -8.42 -10.21 -7.93
N GLN A 233 -7.64 -11.26 -7.64
CA GLN A 233 -7.73 -11.95 -6.35
C GLN A 233 -7.23 -11.09 -5.19
N GLN A 234 -6.42 -10.08 -5.46
CA GLN A 234 -5.93 -9.21 -4.38
C GLN A 234 -7.08 -8.38 -3.80
N TRP A 235 -7.86 -7.76 -4.69
CA TRP A 235 -8.97 -6.92 -4.27
C TRP A 235 -10.31 -7.64 -4.21
N PHE A 236 -10.45 -8.77 -4.90
CA PHE A 236 -11.69 -9.55 -4.90
C PHE A 236 -11.37 -11.01 -4.63
N PRO A 237 -10.80 -11.31 -3.46
CA PRO A 237 -10.40 -12.70 -3.17
C PRO A 237 -11.60 -13.63 -3.15
N GLY A 238 -11.38 -14.85 -3.64
CA GLY A 238 -12.46 -15.82 -3.72
C GLY A 238 -13.24 -15.75 -5.01
N ASN A 239 -14.55 -15.96 -4.92
CA ASN A 239 -15.39 -16.17 -6.09
C ASN A 239 -16.75 -15.51 -5.93
N GLU A 240 -16.85 -14.47 -5.11
CA GLU A 240 -18.10 -13.76 -4.96
C GLU A 240 -18.20 -12.67 -6.02
N GLU A 241 -19.32 -11.95 -5.98
CA GLU A 241 -19.55 -10.85 -6.91
C GLU A 241 -18.46 -9.80 -6.76
N VAL A 242 -17.98 -9.30 -7.89
CA VAL A 242 -16.98 -8.23 -7.94
C VAL A 242 -17.74 -6.90 -7.93
N GLN A 243 -17.63 -6.14 -6.84
CA GLN A 243 -18.38 -4.90 -6.67
C GLN A 243 -17.44 -3.71 -6.82
N VAL A 244 -17.68 -2.88 -7.84
CA VAL A 244 -16.75 -1.83 -8.22
C VAL A 244 -17.47 -0.50 -8.38
N ILE A 245 -16.67 0.57 -8.35
CA ILE A 245 -17.10 1.87 -8.84
C ILE A 245 -16.96 1.87 -10.35
N GLY A 246 -17.89 2.53 -11.05
CA GLY A 246 -17.76 2.73 -12.47
C GLY A 246 -17.97 4.19 -12.84
N LEU A 247 -17.54 4.53 -14.04
CA LEU A 247 -17.79 5.85 -14.60
C LEU A 247 -19.16 5.89 -15.27
N ASP A 248 -19.89 6.98 -15.06
CA ASP A 248 -21.05 7.28 -15.89
C ASP A 248 -20.65 7.18 -17.36
N THR A 249 -21.56 6.64 -18.16
CA THR A 249 -21.27 6.40 -19.58
C THR A 249 -20.90 7.68 -20.30
N ALA A 250 -21.67 8.75 -20.08
CA ALA A 250 -21.38 10.02 -20.73
C ALA A 250 -19.99 10.52 -20.35
N LEU A 251 -19.66 10.45 -19.06
CA LEU A 251 -18.34 10.89 -18.62
C LEU A 251 -17.25 10.09 -19.31
N GLU A 252 -17.40 8.76 -19.36
CA GLU A 252 -16.39 7.91 -20.00
C GLU A 252 -16.08 8.41 -21.42
N ARG A 253 -17.11 8.77 -22.18
CA ARG A 253 -16.88 9.21 -23.54
C ARG A 253 -16.27 10.60 -23.58
N LEU A 254 -16.66 11.48 -22.66
CA LEU A 254 -16.05 12.80 -22.59
C LEU A 254 -14.55 12.70 -22.33
N LEU A 255 -14.15 11.77 -21.46
CA LEU A 255 -12.72 11.60 -21.18
C LEU A 255 -12.00 10.95 -22.37
N LEU A 256 -12.60 9.93 -22.97
CA LEU A 256 -11.98 9.28 -24.12
C LEU A 256 -11.73 10.27 -25.24
N GLN A 257 -12.74 11.10 -25.56
CA GLN A 257 -12.59 12.03 -26.67
C GLN A 257 -11.67 13.19 -26.33
N ALA A 258 -11.44 13.45 -25.04
CA ALA A 258 -10.47 14.48 -24.67
C ALA A 258 -9.06 13.98 -24.89
N LEU A 259 -8.78 12.72 -24.57
CA LEU A 259 -7.47 12.15 -24.84
C LEU A 259 -7.24 11.93 -26.33
N GLN A 260 -8.33 11.76 -27.10
CA GLN A 260 -8.24 11.50 -28.53
C GLN A 260 -8.29 12.79 -29.36
N GLY A 261 -8.09 13.94 -28.72
CA GLY A 261 -8.10 15.19 -29.44
C GLY A 261 -9.45 15.64 -29.94
N GLY A 262 -10.53 15.22 -29.27
CA GLY A 262 -11.87 15.57 -29.67
C GLY A 262 -12.51 16.71 -28.92
N GLY A 263 -11.76 17.36 -28.02
CA GLY A 263 -12.30 18.44 -27.22
C GLY A 263 -12.06 18.22 -25.74
N GLY A 264 -11.47 19.20 -25.07
CA GLY A 264 -11.20 19.06 -23.66
C GLY A 264 -12.39 19.39 -22.78
N LEU A 265 -12.33 18.89 -21.55
CA LEU A 265 -13.37 19.16 -20.56
C LEU A 265 -12.99 20.38 -19.73
N GLU A 266 -14.01 21.13 -19.33
CA GLU A 266 -13.81 22.32 -18.52
C GLU A 266 -13.10 21.92 -17.21
N PRO A 267 -12.23 22.77 -16.68
CA PRO A 267 -11.52 22.40 -15.44
C PRO A 267 -12.44 22.12 -14.28
N GLY A 268 -13.60 22.78 -14.21
CA GLY A 268 -14.54 22.51 -13.13
C GLY A 268 -15.02 21.07 -13.13
N LEU A 269 -15.14 20.46 -14.31
CA LEU A 269 -15.55 19.07 -14.38
C LEU A 269 -14.50 18.15 -13.76
N ALA A 270 -13.22 18.50 -13.90
CA ALA A 270 -12.17 17.71 -13.25
C ALA A 270 -12.30 17.76 -11.74
N ASP A 271 -12.55 18.96 -11.19
CA ASP A 271 -12.73 19.10 -9.75
C ASP A 271 -13.92 18.28 -9.26
N ARG A 272 -15.00 18.26 -10.04
CA ARG A 272 -16.17 17.49 -9.65
C ARG A 272 -15.91 15.99 -9.78
N LEU A 273 -15.20 15.59 -10.84
CA LEU A 273 -14.73 14.22 -10.96
C LEU A 273 -14.04 13.77 -9.68
N LEU A 274 -13.13 14.60 -9.16
CA LEU A 274 -12.42 14.24 -7.94
C LEU A 274 -13.37 14.14 -6.76
N ALA A 275 -14.26 15.13 -6.62
CA ALA A 275 -15.22 15.11 -5.51
C ALA A 275 -16.10 13.87 -5.58
N GLN A 276 -16.54 13.49 -6.78
CA GLN A 276 -17.42 12.34 -6.91
C GLN A 276 -16.70 11.04 -6.66
N THR A 277 -15.38 11.00 -6.93
CA THR A 277 -14.59 9.81 -6.62
C THR A 277 -14.48 9.62 -5.11
N GLN A 278 -14.30 10.72 -4.36
CA GLN A 278 -14.30 10.62 -2.90
C GLN A 278 -15.64 10.11 -2.39
N GLU A 279 -16.74 10.63 -2.96
CA GLU A 279 -18.06 10.18 -2.53
C GLU A 279 -18.26 8.70 -2.82
N ALA A 280 -17.81 8.24 -4.00
CA ALA A 280 -17.91 6.82 -4.33
C ALA A 280 -17.07 5.97 -3.40
N LEU A 281 -15.90 6.48 -2.99
CA LEU A 281 -15.08 5.75 -2.04
C LEU A 281 -15.81 5.58 -0.70
N SER A 282 -16.44 6.64 -0.22
CA SER A 282 -17.20 6.55 1.03
C SER A 282 -18.33 5.54 0.92
N ARG A 283 -18.98 5.49 -0.24
CA ARG A 283 -20.05 4.52 -0.46
C ARG A 283 -19.53 3.09 -0.44
N GLN A 284 -18.47 2.82 -1.21
CA GLN A 284 -17.88 1.48 -1.18
C GLN A 284 -17.55 1.05 0.24
N GLU A 285 -16.96 1.98 1.03
CA GLU A 285 -16.65 1.67 2.41
C GLU A 285 -17.91 1.36 3.21
N MET A 286 -18.97 2.14 2.99
CA MET A 286 -20.23 1.89 3.68
C MET A 286 -20.83 0.55 3.27
N LEU A 287 -20.72 0.19 1.99
CA LEU A 287 -21.23 -1.10 1.52
C LEU A 287 -20.35 -2.27 1.92
N GLY A 288 -19.15 -2.02 2.44
CA GLY A 288 -18.18 -3.08 2.64
C GLY A 288 -17.59 -3.63 1.37
N ALA A 289 -17.59 -2.84 0.28
CA ALA A 289 -17.05 -3.27 -1.00
C ALA A 289 -15.66 -2.67 -1.19
N PRO A 290 -14.86 -3.22 -2.09
CA PRO A 290 -13.48 -2.74 -2.23
C PRO A 290 -13.42 -1.33 -2.78
N PRO A 291 -12.32 -0.57 -2.50
CA PRO A 291 -12.14 0.78 -3.01
C PRO A 291 -11.63 0.82 -4.46
N VAL A 292 -12.33 0.11 -5.34
CA VAL A 292 -11.85 -0.17 -6.69
C VAL A 292 -12.71 0.57 -7.70
N LEU A 293 -12.06 1.31 -8.59
CA LEU A 293 -12.67 1.91 -9.76
C LEU A 293 -12.20 1.13 -10.98
N LEU A 294 -13.16 0.63 -11.76
CA LEU A 294 -12.89 -0.17 -12.95
C LEU A 294 -13.20 0.68 -14.18
N VAL A 295 -12.23 0.80 -15.09
CA VAL A 295 -12.35 1.72 -16.22
C VAL A 295 -11.85 1.10 -17.51
N ASN A 296 -12.28 1.70 -18.63
CA ASN A 296 -11.74 1.38 -19.93
C ASN A 296 -10.23 1.43 -19.91
N HIS A 297 -9.60 0.45 -20.57
CA HIS A 297 -8.14 0.31 -20.56
C HIS A 297 -7.46 1.62 -20.92
N ALA A 298 -7.99 2.33 -21.90
CA ALA A 298 -7.37 3.56 -22.38
C ALA A 298 -7.35 4.65 -21.31
N LEU A 299 -8.19 4.55 -20.28
CA LEU A 299 -8.30 5.58 -19.25
C LEU A 299 -7.55 5.24 -17.97
N ARG A 300 -7.10 3.99 -17.82
CA ARG A 300 -6.58 3.56 -16.52
C ARG A 300 -5.36 4.37 -16.06
N PRO A 301 -4.28 4.49 -16.83
CA PRO A 301 -3.14 5.27 -16.32
C PRO A 301 -3.49 6.72 -15.99
N LEU A 302 -4.24 7.40 -16.86
CA LEU A 302 -4.61 8.79 -16.62
C LEU A 302 -5.34 8.93 -15.29
N LEU A 303 -6.44 8.19 -15.12
CA LEU A 303 -7.26 8.35 -13.92
C LEU A 303 -6.54 7.83 -12.68
N SER A 304 -5.72 6.79 -12.82
CA SER A 304 -4.92 6.36 -11.67
C SER A 304 -4.03 7.48 -11.17
N ARG A 305 -3.31 8.14 -12.08
CA ARG A 305 -2.44 9.25 -11.69
C ARG A 305 -3.25 10.47 -11.25
N PHE A 306 -4.30 10.80 -12.00
CA PHE A 306 -5.09 11.99 -11.67
C PHE A 306 -5.77 11.85 -10.31
N LEU A 307 -6.38 10.70 -10.04
CA LEU A 307 -7.20 10.54 -8.84
C LEU A 307 -6.40 10.11 -7.62
N ARG A 308 -5.41 9.22 -7.79
CA ARG A 308 -4.72 8.72 -6.63
C ARG A 308 -3.78 9.75 -6.01
N ARG A 309 -3.48 10.84 -6.72
CA ARG A 309 -2.70 11.92 -6.15
C ARG A 309 -3.39 12.50 -4.92
N SER A 310 -4.72 12.67 -4.99
CA SER A 310 -5.50 13.14 -3.85
C SER A 310 -6.09 12.00 -3.02
N LEU A 311 -6.39 10.84 -3.63
CA LEU A 311 -7.02 9.72 -2.95
C LEU A 311 -6.16 8.47 -3.14
N PRO A 312 -5.06 8.36 -2.39
CA PRO A 312 -4.18 7.19 -2.57
C PRO A 312 -4.84 5.86 -2.21
N GLN A 313 -5.94 5.87 -1.46
CA GLN A 313 -6.65 4.64 -1.14
C GLN A 313 -7.40 4.06 -2.34
N LEU A 314 -7.60 4.85 -3.39
CA LEU A 314 -8.33 4.35 -4.54
C LEU A 314 -7.49 3.36 -5.33
N VAL A 315 -8.14 2.33 -5.86
CA VAL A 315 -7.51 1.36 -6.75
C VAL A 315 -8.19 1.52 -8.10
N VAL A 316 -7.40 1.76 -9.14
CA VAL A 316 -7.93 1.95 -10.49
C VAL A 316 -7.48 0.77 -11.34
N LEU A 317 -8.44 -0.05 -11.76
CA LEU A 317 -8.18 -1.24 -12.56
C LEU A 317 -8.75 -1.07 -13.95
N SER A 318 -8.10 -1.72 -14.92
CA SER A 318 -8.57 -1.77 -16.29
C SER A 318 -9.48 -2.98 -16.48
N ASN A 319 -10.47 -2.84 -17.38
CA ASN A 319 -11.32 -3.98 -17.69
C ASN A 319 -10.52 -5.14 -18.27
N LEU A 320 -9.35 -4.89 -18.83
CA LEU A 320 -8.50 -5.96 -19.35
C LEU A 320 -7.76 -6.71 -18.24
N GLU A 321 -7.71 -6.18 -17.02
CA GLU A 321 -7.01 -6.83 -15.92
C GLU A 321 -7.94 -7.72 -15.11
N LEU A 322 -9.23 -7.42 -15.07
CA LEU A 322 -10.17 -8.14 -14.23
C LEU A 322 -10.48 -9.51 -14.85
N SER A 323 -10.26 -10.57 -14.09
CA SER A 323 -10.46 -11.93 -14.58
C SER A 323 -11.81 -12.05 -15.30
N ASP A 324 -11.78 -12.65 -16.49
CA ASP A 324 -12.96 -12.67 -17.35
C ASP A 324 -14.06 -13.57 -16.83
N ASN A 325 -13.78 -14.45 -15.87
CA ASN A 325 -14.81 -15.36 -15.36
C ASN A 325 -15.56 -14.79 -14.17
N ARG A 326 -15.30 -13.55 -13.77
CA ARG A 326 -15.96 -12.97 -12.61
C ARG A 326 -17.21 -12.23 -13.03
N HIS A 327 -18.21 -12.24 -12.15
CA HIS A 327 -19.44 -11.47 -12.33
C HIS A 327 -19.24 -10.10 -11.68
N ILE A 328 -19.36 -9.05 -12.47
CA ILE A 328 -19.07 -7.69 -12.03
C ILE A 328 -20.39 -6.97 -11.79
N ARG A 329 -20.44 -6.19 -10.71
CA ARG A 329 -21.57 -5.31 -10.44
C ARG A 329 -21.04 -3.94 -10.07
N MET A 330 -21.50 -2.92 -10.79
CA MET A 330 -21.14 -1.53 -10.47
C MET A 330 -22.00 -1.11 -9.28
N THR A 331 -21.40 -1.04 -8.09
CA THR A 331 -22.16 -0.66 -6.91
C THR A 331 -22.15 0.85 -6.67
N ALA A 332 -21.30 1.60 -7.38
CA ALA A 332 -21.24 3.04 -7.27
C ALA A 332 -20.83 3.59 -8.63
N THR A 333 -21.31 4.79 -8.94
CA THR A 333 -21.08 5.40 -10.25
C THR A 333 -20.57 6.82 -10.06
N ILE A 334 -19.41 7.11 -10.65
CA ILE A 334 -18.87 8.47 -10.70
C ILE A 334 -19.42 9.15 -11.94
N GLY A 335 -20.08 10.29 -11.75
CA GLY A 335 -20.63 11.06 -12.85
C GLY A 335 -22.14 10.95 -12.97
C1 EDO B . 22.79 -8.55 -13.41
O1 EDO B . 21.66 -7.68 -13.29
C2 EDO B . 23.04 -8.87 -14.88
O2 EDO B . 24.31 -8.33 -15.29
H11 EDO B . 23.67 -8.07 -12.99
H12 EDO B . 22.61 -9.48 -12.86
HO1 EDO B . 21.50 -7.48 -12.35
H21 EDO B . 23.05 -9.96 -15.03
H22 EDO B . 22.24 -8.46 -15.49
HO2 EDO B . 24.46 -8.53 -16.21
C1 EDO C . 10.34 -14.40 -6.47
O1 EDO C . 10.50 -15.37 -7.51
C2 EDO C . 11.08 -14.87 -5.21
O2 EDO C . 12.43 -14.41 -5.22
H11 EDO C . 10.74 -13.45 -6.78
H12 EDO C . 9.27 -14.27 -6.24
HO1 EDO C . 10.04 -15.07 -8.31
H21 EDO C . 10.55 -14.50 -4.32
H22 EDO C . 11.06 -15.97 -5.17
HO2 EDO C . 12.88 -14.72 -4.43
C1 EDO D . 21.69 1.64 -19.31
O1 EDO D . 21.63 1.17 -17.95
C2 EDO D . 22.99 2.40 -19.54
O2 EDO D . 24.11 1.50 -19.47
H11 EDO D . 21.64 0.80 -19.99
H12 EDO D . 20.85 2.29 -19.50
HO1 EDO D . 20.80 0.68 -17.81
H21 EDO D . 22.96 2.88 -20.52
H22 EDO D . 23.10 3.18 -18.78
HO2 EDO D . 24.93 1.99 -19.62
C1 EDO E . 1.00 4.85 -14.03
O1 EDO E . 0.89 5.99 -14.88
C2 EDO E . 1.68 3.73 -14.79
O2 EDO E . 2.01 2.70 -13.87
H11 EDO E . 1.57 5.11 -13.14
H12 EDO E . 0.00 4.52 -13.72
HO1 EDO E . 0.46 6.71 -14.40
H21 EDO E . 1.03 3.35 -15.58
H22 EDO E . 2.60 4.11 -15.27
HO2 EDO E . 2.45 1.98 -14.33
C1 EDO F . 10.10 10.53 2.51
O1 EDO F . 11.43 10.67 2.00
C2 EDO F . 9.11 10.93 1.42
O2 EDO F . 9.37 10.18 0.24
H11 EDO F . 9.91 9.50 2.80
H12 EDO F . 9.96 11.18 3.38
HO1 EDO F . 12.06 10.41 2.69
H21 EDO F . 8.08 10.75 1.76
H22 EDO F . 9.21 12.01 1.21
HO2 EDO F . 8.73 10.44 -0.45
C1 EDO G . -15.41 -10.15 -3.60
O1 EDO G . -14.74 -9.14 -2.82
C2 EDO G . -14.44 -11.30 -3.82
O2 EDO G . -15.12 -12.57 -3.84
H11 EDO G . -16.29 -10.50 -3.07
H12 EDO G . -15.72 -9.73 -4.56
HO1 EDO G . -15.33 -8.40 -2.67
H21 EDO G . -13.92 -11.16 -4.77
H22 EDO G . -13.70 -11.31 -3.02
HO2 EDO G . -14.49 -13.28 -3.98
C1 EDO H . 6.16 12.67 10.41
O1 EDO H . 6.02 12.28 11.78
C2 EDO H . 7.15 13.83 10.34
O2 EDO H . 7.48 14.13 8.99
H11 EDO H . 5.19 12.98 10.01
H12 EDO H . 6.54 11.83 9.82
HO1 EDO H . 5.40 11.55 11.85
H21 EDO H . 6.71 14.71 10.81
H22 EDO H . 8.06 13.56 10.89
HO2 EDO H . 8.10 14.86 8.96
C1 EDO I . 15.76 -5.97 1.41
O1 EDO I . 16.21 -4.60 1.37
C2 EDO I . 16.87 -6.87 1.94
O2 EDO I . 16.87 -6.84 3.37
H11 EDO I . 14.88 -6.04 2.06
H12 EDO I . 15.47 -6.29 0.40
HO1 EDO I . 15.50 -4.04 1.04
H21 EDO I . 16.71 -7.90 1.59
H22 EDO I . 17.83 -6.52 1.57
HO2 EDO I . 17.57 -7.41 3.71
C1 EDO J . 2.04 5.53 -4.61
O1 EDO J . 1.62 6.24 -5.79
C2 EDO J . 0.84 5.30 -3.70
O2 EDO J . 0.82 3.94 -3.28
H11 EDO J . 2.48 4.57 -4.90
H12 EDO J . 2.81 6.11 -4.09
HO1 EDO J . 2.38 6.38 -6.37
H21 EDO J . 0.93 5.96 -2.82
H22 EDO J . -0.07 5.55 -4.23
HO2 EDO J . 0.07 3.79 -2.70
#